data_8PQE
#
_entry.id   8PQE
#
_cell.length_a   58.970
_cell.length_b   62.520
_cell.length_c   191.680
_cell.angle_alpha   90.000
_cell.angle_beta   90.000
_cell.angle_gamma   90.000
#
_symmetry.space_group_name_H-M   'P 21 21 21'
#
loop_
_entity.id
_entity.type
_entity.pdbx_description
1 polymer 'Mast/stem cell growth factor receptor Kit'
2 non-polymer 1,2-ETHANEDIOL
3 non-polymer ~{N}-[(1~{S})-1-(4-fluorophenyl)-1-[2-[4-[6-(1-methylpyrazol-4-yl)pyrrolo[2,1-f][1,2,4]triazin-4-yl]piperazin-1-yl]pyrimidin-5-yl]ethyl]prop-2-enamide
4 non-polymer 'BROMIDE ION'
5 non-polymer 'CHLORIDE ION'
6 water water
#
_entity_poly.entity_id   1
_entity_poly.type   'polypeptide(L)'
_entity_poly.pdbx_seq_one_letter_code
;GSMPMYEVQWKVVEESNGNNYSYIDPTQLPYDHKWEFPRNRLSFGKTLGAGAFGKVVEATAQGLIKSDAAMTVAVKMLKP
SAHSTEREALMSELKVLSYLGNHENIVNLLGACTHGGPTLVITEYCCYGDLLNFLRRKRDEFVPYKVAPEDLYKDFLTLE
HLLSFSYQVAKGMAFLASKNCIHRDLAARNILLTHGNITKICDFGLARDIKNDSNYVDKGNARLPVKWMAPESIFNSVYT
FESDVWSYGIFLWELFSLGSSPYPGMPVDSKFYKMIKEGFRMSSPEYAPAEMYDIMKTCWDADPDKRPTFKQIVQDIEKQ
ISESTNH
;
_entity_poly.pdbx_strand_id   A,B
#
loop_
_chem_comp.id
_chem_comp.type
_chem_comp.name
_chem_comp.formula
9WU non-polymer ~{N}-[(1~{S})-1-(4-fluorophenyl)-1-[2-[4-[6-(1-methylpyrazol-4-yl)pyrrolo[2,1-f][1,2,4]triazin-4-yl]piperazin-1-yl]pyrimidin-5-yl]ethyl]prop-2-enamide 'C29 H29 F N10 O'
BR non-polymer 'BROMIDE ION' 'Br -1'
CL non-polymer 'CHLORIDE ION' 'Cl -1'
EDO non-polymer 1,2-ETHANEDIOL 'C2 H6 O2'
#
# COMPACT_ATOMS: atom_id res chain seq x y z
N ASN A 19 -16.51 17.12 25.56
CA ASN A 19 -16.60 15.91 26.37
C ASN A 19 -18.02 15.33 26.36
N ASN A 20 -18.91 15.97 25.61
CA ASN A 20 -20.29 15.48 25.54
C ASN A 20 -20.37 14.14 24.82
N TYR A 21 -19.47 13.89 23.87
CA TYR A 21 -19.40 12.62 23.17
C TYR A 21 -18.10 11.93 23.55
N SER A 22 -18.21 10.66 23.96
CA SER A 22 -17.04 9.90 24.36
C SER A 22 -17.20 8.46 23.90
N TYR A 23 -16.08 7.78 23.76
CA TYR A 23 -16.13 6.36 23.45
C TYR A 23 -16.52 5.57 24.69
N ILE A 24 -17.41 4.60 24.51
CA ILE A 24 -17.87 3.76 25.61
C ILE A 24 -16.87 2.63 25.79
N ASP A 25 -16.21 2.60 26.96
CA ASP A 25 -15.23 1.59 27.29
C ASP A 25 -15.95 0.39 27.87
N PRO A 26 -15.97 -0.74 27.15
CA PRO A 26 -16.73 -1.92 27.62
C PRO A 26 -16.27 -2.43 28.97
N THR A 27 -15.01 -2.26 29.34
CA THR A 27 -14.55 -2.70 30.65
C THR A 27 -15.15 -1.88 31.78
N GLN A 28 -15.62 -0.67 31.50
CA GLN A 28 -16.26 0.17 32.50
C GLN A 28 -17.74 -0.14 32.68
N LEU A 29 -18.33 -0.90 31.76
CA LEU A 29 -19.76 -1.20 31.85
C LEU A 29 -20.03 -2.22 32.95
N PRO A 30 -21.22 -2.18 33.55
CA PRO A 30 -21.55 -3.18 34.57
C PRO A 30 -21.74 -4.55 33.97
N TYR A 31 -21.45 -5.56 34.78
CA TYR A 31 -21.70 -6.94 34.41
C TYR A 31 -23.19 -7.16 34.19
N ASP A 32 -23.53 -7.84 33.10
CA ASP A 32 -24.92 -8.11 32.73
C ASP A 32 -25.29 -9.50 33.25
N HIS A 33 -26.26 -9.55 34.16
CA HIS A 33 -26.66 -10.81 34.79
C HIS A 33 -27.42 -11.75 33.87
N LYS A 34 -27.70 -11.36 32.62
CA LYS A 34 -28.22 -12.34 31.67
C LYS A 34 -27.25 -13.50 31.50
N TRP A 35 -25.97 -13.31 31.80
CA TRP A 35 -24.95 -14.34 31.70
C TRP A 35 -24.92 -15.28 32.91
N GLU A 36 -25.57 -14.93 34.01
CA GLU A 36 -25.36 -15.67 35.25
C GLU A 36 -25.89 -17.09 35.12
N PHE A 37 -25.13 -18.03 35.69
CA PHE A 37 -25.42 -19.45 35.63
C PHE A 37 -25.09 -20.04 36.99
N PRO A 38 -25.92 -20.96 37.49
CA PRO A 38 -25.73 -21.50 38.84
C PRO A 38 -24.47 -22.36 38.93
N ARG A 39 -23.63 -22.02 39.89
CA ARG A 39 -22.41 -22.76 40.18
C ARG A 39 -22.70 -24.24 40.46
N ASN A 40 -23.84 -24.54 41.08
CA ASN A 40 -24.17 -25.92 41.42
C ASN A 40 -24.52 -26.77 40.20
N ARG A 41 -24.73 -26.17 39.02
CA ARG A 41 -25.04 -26.91 37.80
C ARG A 41 -23.80 -27.17 36.94
N LEU A 42 -22.61 -26.82 37.42
CA LEU A 42 -21.36 -27.10 36.72
C LEU A 42 -20.64 -28.23 37.44
N SER A 43 -20.19 -29.22 36.67
CA SER A 43 -19.35 -30.30 37.18
C SER A 43 -18.03 -30.27 36.42
N PHE A 44 -16.93 -30.08 37.15
CA PHE A 44 -15.63 -29.94 36.51
C PHE A 44 -15.09 -31.31 36.09
N GLY A 45 -14.41 -31.32 34.95
CA GLY A 45 -13.74 -32.52 34.45
C GLY A 45 -12.25 -32.28 34.31
N LYS A 46 -11.70 -32.58 33.14
CA LYS A 46 -10.26 -32.49 32.95
C LYS A 46 -9.78 -31.05 32.88
N THR A 47 -8.58 -30.81 33.39
CA THR A 47 -7.94 -29.50 33.29
C THR A 47 -7.40 -29.31 31.88
N LEU A 48 -7.83 -28.24 31.22
CA LEU A 48 -7.39 -27.96 29.85
C LEU A 48 -6.18 -27.04 29.80
N GLY A 49 -6.02 -26.18 30.81
CA GLY A 49 -4.85 -25.34 30.90
C GLY A 49 -4.65 -24.88 32.33
N ALA A 50 -3.39 -24.74 32.71
CA ALA A 50 -3.05 -24.30 34.06
C ALA A 50 -1.80 -23.44 34.01
N GLY A 51 -1.77 -22.41 34.85
CA GLY A 51 -0.65 -21.50 34.90
C GLY A 51 -0.60 -20.79 36.22
N ALA A 52 0.14 -19.68 36.23
CA ALA A 52 0.32 -18.93 37.48
C ALA A 52 -0.99 -18.33 37.96
N PHE A 53 -1.80 -17.80 37.05
CA PHE A 53 -3.01 -17.09 37.45
C PHE A 53 -4.17 -18.01 37.78
N GLY A 54 -4.15 -19.25 37.31
CA GLY A 54 -5.27 -20.14 37.59
C GLY A 54 -5.31 -21.29 36.60
N LYS A 55 -6.53 -21.77 36.32
CA LYS A 55 -6.72 -22.90 35.43
C LYS A 55 -7.96 -22.70 34.57
N VAL A 56 -7.99 -23.44 33.46
CA VAL A 56 -9.16 -23.57 32.60
C VAL A 56 -9.52 -25.04 32.56
N VAL A 57 -10.77 -25.37 32.88
CA VAL A 57 -11.16 -26.77 32.96
C VAL A 57 -12.30 -27.05 31.99
N GLU A 58 -12.33 -28.28 31.49
CA GLU A 58 -13.51 -28.79 30.81
C GLU A 58 -14.57 -29.08 31.86
N ALA A 59 -15.83 -28.76 31.54
CA ALA A 59 -16.89 -28.97 32.52
C ALA A 59 -18.17 -29.33 31.79
N THR A 60 -19.09 -29.89 32.54
CA THR A 60 -20.45 -30.13 32.07
C THR A 60 -21.37 -29.09 32.68
N ALA A 61 -22.13 -28.40 31.83
CA ALA A 61 -23.06 -27.36 32.25
C ALA A 61 -24.47 -27.89 32.00
N GLN A 62 -25.19 -28.18 33.08
CA GLN A 62 -26.49 -28.84 32.98
C GLN A 62 -27.57 -27.77 32.78
N GLY A 63 -28.27 -27.85 31.65
CA GLY A 63 -29.33 -26.88 31.38
C GLY A 63 -28.86 -25.51 30.95
N LEU A 64 -27.66 -25.40 30.38
CA LEU A 64 -27.15 -24.08 29.98
C LEU A 64 -27.96 -23.53 28.81
N ILE A 65 -28.12 -24.32 27.74
CA ILE A 65 -29.00 -23.94 26.62
C ILE A 65 -30.32 -24.69 26.73
N SER A 67 -32.60 -26.79 28.69
CA SER A 67 -32.96 -26.87 30.10
C SER A 67 -32.81 -28.28 30.64
N ASP A 68 -33.06 -29.27 29.78
CA ASP A 68 -33.01 -30.68 30.18
C ASP A 68 -31.70 -31.34 29.78
N ALA A 69 -30.87 -30.66 29.02
CA ALA A 69 -29.67 -31.24 28.45
C ALA A 69 -28.43 -30.56 28.98
N ALA A 70 -27.35 -31.32 29.06
CA ALA A 70 -26.05 -30.81 29.48
C ALA A 70 -25.14 -30.66 28.27
N MET A 71 -24.31 -29.63 28.30
CA MET A 71 -23.34 -29.44 27.24
C MET A 71 -21.96 -29.30 27.85
N THR A 72 -20.94 -29.74 27.11
CA THR A 72 -19.56 -29.57 27.52
C THR A 72 -19.13 -28.13 27.25
N VAL A 73 -18.47 -27.52 28.24
CA VAL A 73 -18.02 -26.14 28.17
C VAL A 73 -16.62 -26.07 28.75
N ALA A 74 -16.00 -24.90 28.58
CA ALA A 74 -14.75 -24.59 29.26
C ALA A 74 -15.02 -23.52 30.32
N VAL A 75 -14.42 -23.69 31.49
CA VAL A 75 -14.60 -22.76 32.60
C VAL A 75 -13.23 -22.23 33.00
N LYS A 76 -13.08 -20.90 32.94
CA LYS A 76 -11.87 -20.22 33.37
C LYS A 76 -12.06 -19.68 34.78
N MET A 77 -11.07 -19.90 35.64
CA MET A 77 -11.13 -19.52 37.04
C MET A 77 -9.76 -19.07 37.54
N LEU A 78 -9.77 -18.15 38.48
CA LEU A 78 -8.55 -17.65 39.09
C LEU A 78 -8.05 -18.57 40.21
N LYS A 79 -6.81 -18.30 40.62
CA LYS A 79 -6.18 -19.00 41.73
C LYS A 79 -6.87 -18.71 43.06
N PRO A 80 -6.68 -19.58 44.05
CA PRO A 80 -7.25 -19.36 45.38
C PRO A 80 -6.93 -17.99 45.98
N SER A 81 -7.98 -17.31 46.45
CA SER A 81 -7.88 -16.02 47.14
C SER A 81 -7.00 -15.03 46.38
N ALA A 82 -7.32 -14.84 45.10
CA ALA A 82 -6.56 -13.96 44.22
C ALA A 82 -6.66 -12.51 44.68
N HIS A 83 -5.62 -11.73 44.37
CA HIS A 83 -5.64 -10.32 44.75
C HIS A 83 -6.67 -9.57 43.92
N SER A 84 -7.08 -8.40 44.45
CA SER A 84 -8.18 -7.64 43.85
C SER A 84 -7.90 -7.29 42.38
N THR A 85 -6.66 -6.98 42.05
CA THR A 85 -6.32 -6.63 40.66
C THR A 85 -6.56 -7.81 39.73
N GLU A 86 -6.24 -9.03 40.19
CA GLU A 86 -6.45 -10.21 39.36
C GLU A 86 -7.94 -10.49 39.12
N ARG A 87 -8.77 -10.39 40.17
CA ARG A 87 -10.19 -10.62 40.00
C ARG A 87 -10.84 -9.59 39.10
N GLU A 88 -10.49 -8.31 39.27
CA GLU A 88 -11.04 -7.27 38.40
C GLU A 88 -10.62 -7.49 36.95
N ALA A 89 -9.41 -8.01 36.73
CA ALA A 89 -8.96 -8.27 35.37
C ALA A 89 -9.82 -9.35 34.70
N LEU A 90 -10.13 -10.42 35.44
CA LEU A 90 -10.99 -11.46 34.89
C LEU A 90 -12.39 -10.92 34.58
N MET A 91 -12.91 -10.05 35.44
CA MET A 91 -14.20 -9.44 35.19
C MET A 91 -14.16 -8.55 33.95
N SER A 92 -13.08 -7.77 33.80
CA SER A 92 -12.96 -6.93 32.61
C SER A 92 -12.90 -7.78 31.35
N GLU A 93 -12.15 -8.88 31.39
CA GLU A 93 -12.12 -9.81 30.26
C GLU A 93 -13.51 -10.39 29.99
N LEU A 94 -14.26 -10.68 31.06
CA LEU A 94 -15.64 -11.13 30.89
C LEU A 94 -16.50 -10.05 30.24
N LYS A 95 -16.38 -8.82 30.74
CA LYS A 95 -17.16 -7.71 30.18
C LYS A 95 -16.81 -7.46 28.72
N VAL A 96 -15.54 -7.58 28.37
CA VAL A 96 -15.13 -7.40 26.97
C VAL A 96 -15.81 -8.43 26.08
N LEU A 97 -15.82 -9.70 26.52
CA LEU A 97 -16.48 -10.76 25.76
C LEU A 97 -17.96 -10.48 25.57
N SER A 98 -18.60 -9.92 26.59
CA SER A 98 -20.03 -9.63 26.52
C SER A 98 -20.33 -8.55 25.47
N TYR A 99 -19.51 -7.49 25.43
CA TYR A 99 -19.74 -6.40 24.47
C TYR A 99 -19.42 -6.83 23.05
N LEU A 100 -18.41 -7.69 22.89
CA LEU A 100 -17.99 -8.15 21.56
C LEU A 100 -19.16 -8.72 20.77
N GLY A 101 -19.90 -9.64 21.37
CA GLY A 101 -20.92 -10.37 20.66
C GLY A 101 -20.39 -11.65 20.06
N ASN A 102 -21.31 -12.44 19.52
CA ASN A 102 -20.97 -13.77 19.01
C ASN A 102 -20.34 -13.68 17.62
N HIS A 103 -19.34 -14.53 17.39
CA HIS A 103 -18.79 -14.75 16.06
C HIS A 103 -18.35 -16.20 15.95
N GLU A 104 -18.51 -16.76 14.75
CA GLU A 104 -18.26 -18.19 14.56
C GLU A 104 -16.82 -18.57 14.86
N ASN A 105 -15.87 -17.65 14.61
CA ASN A 105 -14.44 -17.96 14.64
C ASN A 105 -13.75 -17.42 15.89
N ILE A 106 -14.48 -17.17 16.96
CA ILE A 106 -13.90 -16.90 18.27
C ILE A 106 -14.51 -17.87 19.28
N VAL A 107 -13.78 -18.10 20.36
CA VAL A 107 -14.29 -18.89 21.48
C VAL A 107 -15.27 -17.99 22.23
N ASN A 108 -16.57 -18.26 22.08
CA ASN A 108 -17.57 -17.34 22.57
C ASN A 108 -17.85 -17.53 24.06
N LEU A 109 -18.30 -16.44 24.69
CA LEU A 109 -18.76 -16.50 26.07
C LEU A 109 -20.13 -17.16 26.11
N LEU A 110 -20.32 -18.05 27.09
CA LEU A 110 -21.62 -18.69 27.26
C LEU A 110 -22.28 -18.35 28.59
N GLY A 111 -21.52 -17.94 29.59
CA GLY A 111 -22.11 -17.58 30.86
C GLY A 111 -21.01 -17.36 31.88
N ALA A 112 -21.45 -17.11 33.12
CA ALA A 112 -20.50 -16.83 34.18
C ALA A 112 -21.17 -17.13 35.51
N CYS A 113 -20.33 -17.40 36.51
CA CYS A 113 -20.76 -17.53 37.90
C CYS A 113 -20.01 -16.45 38.68
N THR A 114 -20.75 -15.42 39.14
CA THR A 114 -20.12 -14.27 39.77
C THR A 114 -20.43 -14.10 41.25
N HIS A 115 -21.25 -14.97 41.84
CA HIS A 115 -21.50 -14.91 43.28
C HIS A 115 -21.62 -16.34 43.80
N GLY A 116 -21.64 -16.46 45.12
CA GLY A 116 -21.56 -17.76 45.74
C GLY A 116 -20.18 -18.36 45.71
N GLY A 117 -19.16 -17.56 45.40
CA GLY A 117 -17.80 -18.03 45.28
C GLY A 117 -16.99 -17.21 44.28
N PRO A 118 -15.82 -17.73 43.90
CA PRO A 118 -14.98 -17.02 42.93
C PRO A 118 -15.63 -16.95 41.55
N THR A 119 -15.22 -15.93 40.80
CA THR A 119 -15.76 -15.72 39.46
C THR A 119 -15.34 -16.84 38.51
N LEU A 120 -16.32 -17.44 37.84
CA LEU A 120 -16.08 -18.46 36.84
C LEU A 120 -16.61 -17.92 35.51
N VAL A 121 -15.82 -18.06 34.46
CA VAL A 121 -16.20 -17.59 33.13
C VAL A 121 -16.38 -18.81 32.24
N ILE A 122 -17.57 -18.95 31.67
CA ILE A 122 -17.93 -20.14 30.91
C ILE A 122 -17.90 -19.79 29.43
N THR A 123 -17.10 -20.53 28.66
CA THR A 123 -16.98 -20.31 27.23
C THR A 123 -17.22 -21.62 26.49
N GLU A 124 -17.29 -21.51 25.16
CA GLU A 124 -17.43 -22.69 24.32
C GLU A 124 -16.23 -23.61 24.50
N TYR A 125 -16.48 -24.91 24.36
CA TYR A 125 -15.44 -25.93 24.42
C TYR A 125 -15.12 -26.39 23.00
N CYS A 126 -13.82 -26.40 22.67
CA CYS A 126 -13.34 -26.79 21.34
C CYS A 126 -12.71 -28.18 21.43
N CYS A 127 -13.39 -29.18 20.86
CA CYS A 127 -13.09 -30.57 21.18
C CYS A 127 -11.75 -31.07 20.65
N TYR A 128 -11.18 -30.43 19.62
CA TYR A 128 -9.94 -30.92 19.04
C TYR A 128 -8.69 -30.20 19.56
N GLY A 129 -8.85 -29.28 20.51
CA GLY A 129 -7.70 -28.61 21.09
C GLY A 129 -7.08 -27.56 20.17
N ASP A 130 -5.85 -27.20 20.48
CA ASP A 130 -5.16 -26.13 19.77
C ASP A 130 -4.69 -26.61 18.39
N LEU A 131 -4.66 -25.66 17.44
CA LEU A 131 -4.39 -25.97 16.05
C LEU A 131 -2.95 -26.43 15.82
N LEU A 132 -2.00 -25.92 16.61
CA LEU A 132 -0.59 -26.29 16.42
C LEU A 132 -0.39 -27.77 16.64
N ASN A 133 -0.87 -28.30 17.77
CA ASN A 133 -0.74 -29.74 18.01
C ASN A 133 -1.56 -30.56 17.03
N PHE A 134 -2.70 -30.01 16.58
CA PHE A 134 -3.48 -30.72 15.57
C PHE A 134 -2.70 -30.84 14.26
N LEU A 135 -2.07 -29.74 13.82
CA LEU A 135 -1.27 -29.79 12.60
C LEU A 135 -0.13 -30.80 12.74
N ARG A 136 0.56 -30.79 13.88
CA ARG A 136 1.67 -31.71 14.07
C ARG A 136 1.20 -33.15 14.09
N ARG A 137 0.06 -33.42 14.70
CA ARG A 137 -0.51 -34.77 14.78
CA ARG A 137 -0.40 -34.81 14.74
C ARG A 137 -1.02 -35.25 13.43
N LYS A 138 -1.39 -34.32 12.55
CA LYS A 138 -1.88 -34.66 11.21
C LYS A 138 -0.78 -34.57 10.14
N ARG A 139 0.47 -34.32 10.54
CA ARG A 139 1.50 -34.03 9.55
C ARG A 139 1.83 -35.25 8.68
N ASP A 140 1.92 -36.43 9.27
CA ASP A 140 2.22 -37.63 8.49
C ASP A 140 1.09 -37.93 7.50
N GLU A 141 -0.16 -37.71 7.91
CA GLU A 141 -1.32 -38.00 7.07
C GLU A 141 -1.59 -36.96 6.00
N PHE A 142 -0.88 -35.84 5.99
CA PHE A 142 -1.20 -34.75 5.08
C PHE A 142 -0.93 -35.12 3.64
N VAL A 143 -1.90 -34.81 2.76
CA VAL A 143 -1.69 -34.86 1.31
C VAL A 143 -2.31 -33.59 0.74
N PRO A 144 -1.63 -32.91 -0.21
CA PRO A 144 -2.18 -31.64 -0.74
C PRO A 144 -3.53 -31.77 -1.39
N TYR A 145 -3.74 -32.80 -2.21
CA TYR A 145 -4.98 -33.00 -2.95
C TYR A 145 -5.51 -34.41 -2.68
N LYS A 146 -6.82 -34.51 -2.49
CA LYS A 146 -7.47 -35.80 -2.24
C LYS A 146 -7.77 -36.51 -3.56
N ASP A 155 -9.80 -39.32 5.95
CA ASP A 155 -9.81 -38.22 6.91
C ASP A 155 -8.43 -37.58 7.03
N PHE A 156 -7.85 -37.21 5.90
CA PHE A 156 -6.53 -36.61 5.85
C PHE A 156 -6.64 -35.10 5.75
N LEU A 157 -5.59 -34.44 6.21
CA LEU A 157 -5.49 -32.99 6.06
C LEU A 157 -5.06 -32.68 4.64
N THR A 158 -5.66 -31.64 4.05
CA THR A 158 -5.41 -31.27 2.65
C THR A 158 -5.18 -29.77 2.54
N LEU A 159 -4.73 -29.32 1.36
CA LEU A 159 -4.58 -27.88 1.16
C LEU A 159 -5.90 -27.15 1.33
N GLU A 160 -7.01 -27.78 0.93
CA GLU A 160 -8.32 -27.16 1.10
C GLU A 160 -8.59 -26.85 2.56
N HIS A 161 -8.20 -27.75 3.46
CA HIS A 161 -8.35 -27.50 4.89
C HIS A 161 -7.49 -26.33 5.33
N LEU A 162 -6.22 -26.32 4.91
CA LEU A 162 -5.32 -25.23 5.30
C LEU A 162 -5.85 -23.89 4.82
N LEU A 163 -6.36 -23.83 3.59
CA LEU A 163 -6.96 -22.60 3.10
C LEU A 163 -8.15 -22.18 3.95
N SER A 164 -8.99 -23.15 4.34
CA SER A 164 -10.13 -22.85 5.20
C SER A 164 -9.67 -22.29 6.54
N PHE A 165 -8.66 -22.91 7.15
CA PHE A 165 -8.16 -22.39 8.44
C PHE A 165 -7.65 -20.97 8.29
N SER A 166 -6.92 -20.68 7.20
CA SER A 166 -6.40 -19.33 7.01
C SER A 166 -7.55 -18.34 6.83
N TYR A 167 -8.57 -18.74 6.07
CA TYR A 167 -9.75 -17.89 5.86
C TYR A 167 -10.49 -17.62 7.16
N GLN A 168 -10.71 -18.67 7.96
CA GLN A 168 -11.49 -18.52 9.17
C GLN A 168 -10.78 -17.66 10.20
N VAL A 169 -9.47 -17.83 10.34
CA VAL A 169 -8.72 -17.01 11.30
C VAL A 169 -8.72 -15.55 10.86
N ALA A 170 -8.66 -15.30 9.55
CA ALA A 170 -8.74 -13.92 9.07
C ALA A 170 -10.12 -13.31 9.36
N LYS A 171 -11.18 -14.11 9.22
CA LYS A 171 -12.52 -13.59 9.49
C LYS A 171 -12.68 -13.26 10.97
N GLY A 172 -12.18 -14.14 11.85
CA GLY A 172 -12.21 -13.85 13.27
C GLY A 172 -11.45 -12.58 13.63
N MET A 173 -10.23 -12.43 13.10
CA MET A 173 -9.44 -11.24 13.42
C MET A 173 -10.06 -9.98 12.82
N ALA A 174 -10.60 -10.08 11.60
CA ALA A 174 -11.33 -8.95 11.02
C ALA A 174 -12.48 -8.53 11.91
N PHE A 175 -13.17 -9.51 12.51
CA PHE A 175 -14.25 -9.19 13.44
C PHE A 175 -13.70 -8.53 14.70
N LEU A 176 -12.64 -9.08 15.27
CA LEU A 176 -12.02 -8.46 16.44
C LEU A 176 -11.54 -7.05 16.12
N ALA A 177 -10.88 -6.86 14.97
CA ALA A 177 -10.39 -5.53 14.61
C ALA A 177 -11.53 -4.53 14.47
N SER A 178 -12.62 -4.93 13.80
CA SER A 178 -13.76 -4.04 13.67
C SER A 178 -14.36 -3.65 15.01
N LYS A 179 -14.09 -4.43 16.06
CA LYS A 179 -14.59 -4.13 17.40
C LYS A 179 -13.53 -3.45 18.26
N ASN A 180 -12.47 -2.90 17.65
CA ASN A 180 -11.44 -2.15 18.37
C ASN A 180 -10.61 -3.02 19.29
N CYS A 181 -10.41 -4.29 18.94
CA CYS A 181 -9.67 -5.24 19.77
C CYS A 181 -8.36 -5.65 19.10
N ILE A 182 -7.32 -5.80 19.92
CA ILE A 182 -6.02 -6.30 19.48
CA ILE A 182 -6.02 -6.30 19.48
C ILE A 182 -5.71 -7.54 20.29
N HIS A 183 -5.29 -8.61 19.60
CA HIS A 183 -5.10 -9.90 20.26
C HIS A 183 -3.80 -9.94 21.06
N ARG A 184 -2.69 -9.56 20.42
CA ARG A 184 -1.33 -9.42 20.93
C ARG A 184 -0.59 -10.76 21.10
N ASP A 185 -1.23 -11.90 20.91
CA ASP A 185 -0.53 -13.19 20.95
C ASP A 185 -1.12 -14.14 19.91
N LEU A 186 -1.28 -13.64 18.69
CA LEU A 186 -1.82 -14.48 17.63
C LEU A 186 -0.77 -15.49 17.18
N ALA A 187 -1.14 -16.77 17.20
CA ALA A 187 -0.26 -17.88 16.88
C ALA A 187 -1.11 -19.14 16.78
N ALA A 188 -0.54 -20.19 16.17
CA ALA A 188 -1.27 -21.43 16.00
C ALA A 188 -1.63 -22.05 17.36
N ARG A 189 -0.77 -21.89 18.36
CA ARG A 189 -1.05 -22.43 19.68
C ARG A 189 -2.27 -21.76 20.32
N ASN A 190 -2.66 -20.58 19.85
CA ASN A 190 -3.81 -19.86 20.38
C ASN A 190 -5.01 -19.90 19.44
N ILE A 191 -5.01 -20.84 18.49
CA ILE A 191 -6.18 -21.13 17.68
C ILE A 191 -6.69 -22.50 18.08
N LEU A 192 -7.98 -22.60 18.34
CA LEU A 192 -8.59 -23.87 18.70
C LEU A 192 -9.44 -24.39 17.55
N LEU A 193 -9.60 -25.70 17.51
CA LEU A 193 -10.36 -26.38 16.45
C LEU A 193 -11.50 -27.14 17.08
N THR A 194 -12.70 -26.97 16.53
CA THR A 194 -13.88 -27.66 17.06
C THR A 194 -14.61 -28.39 15.94
N HIS A 195 -15.81 -28.90 16.23
CA HIS A 195 -16.53 -29.73 15.28
C HIS A 195 -16.76 -28.98 13.97
N GLY A 196 -16.72 -29.73 12.87
CA GLY A 196 -16.92 -29.16 11.55
C GLY A 196 -15.76 -28.41 10.97
N ASN A 197 -14.53 -28.68 11.45
CA ASN A 197 -13.33 -27.97 10.98
C ASN A 197 -13.48 -26.47 11.14
N ILE A 198 -14.02 -26.03 12.27
CA ILE A 198 -14.15 -24.62 12.60
C ILE A 198 -13.02 -24.24 13.54
N THR A 199 -12.28 -23.19 13.17
CA THR A 199 -11.22 -22.64 14.00
C THR A 199 -11.76 -21.46 14.78
N LYS A 200 -11.39 -21.38 16.05
CA LYS A 200 -11.84 -20.30 16.92
C LYS A 200 -10.64 -19.70 17.63
N ILE A 201 -10.57 -18.38 17.61
CA ILE A 201 -9.50 -17.66 18.29
C ILE A 201 -9.82 -17.59 19.78
N CYS A 202 -8.83 -17.88 20.61
CA CYS A 202 -8.98 -17.79 22.06
C CYS A 202 -7.90 -16.85 22.60
N ASP A 203 -8.11 -16.40 23.83
CA ASP A 203 -7.23 -15.44 24.50
C ASP A 203 -7.14 -14.12 23.72
N ARG A 223 8.98 -14.64 28.27
CA ARG A 223 7.87 -13.76 28.64
C ARG A 223 7.03 -13.37 27.43
N LEU A 224 7.70 -13.13 26.31
CA LEU A 224 7.01 -12.65 25.13
C LEU A 224 7.27 -13.58 23.95
N PRO A 225 6.33 -13.68 23.02
CA PRO A 225 6.51 -14.56 21.84
C PRO A 225 7.29 -13.87 20.72
N VAL A 226 8.61 -13.79 20.93
CA VAL A 226 9.46 -12.94 20.10
C VAL A 226 9.31 -13.27 18.62
N LYS A 227 9.29 -14.56 18.28
CA LYS A 227 9.26 -14.97 16.88
C LYS A 227 7.93 -14.66 16.20
N TRP A 228 6.89 -14.29 16.95
CA TRP A 228 5.60 -13.91 16.38
C TRP A 228 5.37 -12.41 16.36
N MET A 229 6.28 -11.63 16.93
CA MET A 229 6.03 -10.21 17.18
C MET A 229 6.52 -9.35 16.02
N ALA A 230 5.79 -8.27 15.76
CA ALA A 230 6.24 -7.28 14.80
C ALA A 230 7.44 -6.53 15.35
N PRO A 231 8.33 -6.03 14.48
CA PRO A 231 9.53 -5.33 14.99
C PRO A 231 9.19 -4.16 15.89
N GLU A 232 8.17 -3.38 15.54
CA GLU A 232 7.80 -2.24 16.37
C GLU A 232 7.30 -2.69 17.74
N SER A 233 6.71 -3.88 17.83
CA SER A 233 6.36 -4.42 19.15
C SER A 233 7.61 -4.81 19.94
N ILE A 234 8.58 -5.45 19.28
CA ILE A 234 9.82 -5.82 19.96
C ILE A 234 10.59 -4.58 20.38
N PHE A 235 10.79 -3.65 19.43
CA PHE A 235 11.71 -2.55 19.66
C PHE A 235 11.06 -1.40 20.44
N ASN A 236 9.76 -1.17 20.27
CA ASN A 236 9.09 -0.03 20.89
C ASN A 236 7.94 -0.40 21.81
N SER A 237 7.68 -1.70 22.03
CA SER A 237 6.60 -2.16 22.90
C SER A 237 5.25 -1.59 22.48
N VAL A 238 5.06 -1.46 21.17
CA VAL A 238 3.81 -0.95 20.60
C VAL A 238 3.02 -2.12 20.04
N TYR A 239 1.73 -2.17 20.35
CA TYR A 239 0.83 -3.19 19.83
C TYR A 239 -0.34 -2.50 19.17
N THR A 240 -0.60 -2.87 17.92
CA THR A 240 -1.59 -2.19 17.10
C THR A 240 -2.36 -3.21 16.29
N PHE A 241 -3.37 -2.74 15.58
CA PHE A 241 -3.99 -3.57 14.56
C PHE A 241 -2.96 -4.13 13.59
N GLU A 242 -1.96 -3.31 13.24
CA GLU A 242 -0.96 -3.70 12.25
C GLU A 242 -0.01 -4.76 12.80
N SER A 243 0.32 -4.70 14.08
CA SER A 243 1.19 -5.73 14.67
C SER A 243 0.47 -7.08 14.74
N ASP A 244 -0.84 -7.07 14.96
CA ASP A 244 -1.59 -8.33 14.89
C ASP A 244 -1.52 -8.92 13.50
N VAL A 245 -1.53 -8.06 12.47
CA VAL A 245 -1.43 -8.55 11.09
C VAL A 245 -0.09 -9.23 10.86
N TRP A 246 0.99 -8.65 11.41
CA TRP A 246 2.30 -9.30 11.32
C TRP A 246 2.23 -10.71 11.91
N SER A 247 1.67 -10.83 13.11
CA SER A 247 1.58 -12.14 13.77
C SER A 247 0.75 -13.12 12.95
N TYR A 248 -0.29 -12.63 12.27
CA TYR A 248 -1.07 -13.49 11.40
C TYR A 248 -0.21 -14.05 10.27
N GLY A 249 0.72 -13.24 9.75
CA GLY A 249 1.64 -13.76 8.76
C GLY A 249 2.50 -14.90 9.29
N ILE A 250 2.97 -14.77 10.54
CA ILE A 250 3.72 -15.86 11.15
C ILE A 250 2.85 -17.08 11.31
N PHE A 251 1.58 -16.88 11.69
CA PHE A 251 0.64 -18.00 11.79
C PHE A 251 0.48 -18.72 10.46
N LEU A 252 0.37 -17.96 9.36
CA LEU A 252 0.27 -18.61 8.05
C LEU A 252 1.47 -19.48 7.76
N TRP A 253 2.67 -19.02 8.14
CA TRP A 253 3.85 -19.84 7.94
C TRP A 253 3.77 -21.12 8.75
N GLU A 254 3.35 -21.01 10.02
CA GLU A 254 3.09 -22.19 10.84
C GLU A 254 2.12 -23.13 10.15
N LEU A 255 1.04 -22.56 9.60
CA LEU A 255 -0.04 -23.36 9.04
C LEU A 255 0.44 -24.20 7.87
N PHE A 256 1.02 -23.55 6.86
CA PHE A 256 1.45 -24.27 5.67
C PHE A 256 2.77 -25.00 5.88
N SER A 257 3.45 -24.80 7.01
CA SER A 257 4.57 -25.65 7.38
C SER A 257 4.12 -26.86 8.20
N LEU A 258 2.81 -27.04 8.35
CA LEU A 258 2.23 -28.12 9.15
C LEU A 258 2.78 -28.11 10.58
N GLY A 259 2.84 -26.92 11.17
CA GLY A 259 3.17 -26.80 12.57
C GLY A 259 4.64 -26.74 12.91
N SER A 260 5.50 -26.37 11.98
CA SER A 260 6.91 -26.18 12.31
CA SER A 260 6.91 -26.17 12.30
C SER A 260 7.09 -24.87 13.08
N SER A 261 8.18 -24.80 13.84
CA SER A 261 8.45 -23.59 14.58
C SER A 261 9.02 -22.53 13.63
N PRO A 262 8.63 -21.26 13.81
CA PRO A 262 9.13 -20.21 12.91
C PRO A 262 10.63 -20.01 13.06
N TYR A 263 11.23 -19.43 12.01
CA TYR A 263 12.66 -19.18 11.91
C TYR A 263 13.43 -20.43 12.37
N PRO A 264 13.22 -21.58 11.72
CA PRO A 264 13.74 -22.84 12.25
C PRO A 264 15.26 -22.82 12.37
N GLY A 265 15.75 -23.37 13.47
CA GLY A 265 17.17 -23.41 13.74
C GLY A 265 17.82 -22.08 14.05
N MET A 266 17.04 -21.01 14.19
CA MET A 266 17.62 -19.70 14.51
C MET A 266 17.26 -19.34 15.95
N PRO A 267 18.25 -19.12 16.81
CA PRO A 267 17.95 -18.69 18.18
C PRO A 267 17.60 -17.22 18.21
N VAL A 268 16.93 -16.82 19.29
CA VAL A 268 16.62 -15.43 19.55
C VAL A 268 17.83 -14.80 20.21
N ASP A 269 18.57 -14.00 19.44
CA ASP A 269 19.80 -13.39 19.92
C ASP A 269 19.97 -12.07 19.17
N SER A 270 21.14 -11.43 19.36
CA SER A 270 21.40 -10.15 18.71
C SER A 270 21.34 -10.29 17.19
N LYS A 271 21.89 -11.38 16.64
CA LYS A 271 21.85 -11.58 15.20
C LYS A 271 20.41 -11.66 14.68
N PHE A 272 19.53 -12.36 15.39
CA PHE A 272 18.14 -12.47 14.96
C PHE A 272 17.50 -11.10 14.83
N TYR A 273 17.57 -10.29 15.88
CA TYR A 273 16.95 -8.97 15.86
C TYR A 273 17.53 -8.10 14.74
N LYS A 274 18.85 -8.15 14.56
CA LYS A 274 19.48 -7.36 13.50
C LYS A 274 18.96 -7.79 12.13
N MET A 275 18.84 -9.10 11.91
CA MET A 275 18.35 -9.60 10.63
C MET A 275 16.91 -9.19 10.39
N ILE A 276 16.03 -9.37 11.38
CA ILE A 276 14.65 -8.93 11.25
C ILE A 276 14.58 -7.44 10.92
N LYS A 277 15.34 -6.62 11.65
CA LYS A 277 15.33 -5.18 11.40
C LYS A 277 15.84 -4.85 9.99
N GLU A 278 16.85 -5.57 9.52
CA GLU A 278 17.42 -5.30 8.20
C GLU A 278 16.53 -5.77 7.06
N GLY A 279 15.47 -6.52 7.35
CA GLY A 279 14.53 -6.98 6.34
C GLY A 279 14.52 -8.46 6.06
N PHE A 280 15.26 -9.27 6.82
CA PHE A 280 15.19 -10.71 6.62
C PHE A 280 13.80 -11.23 6.94
N ARG A 281 13.28 -12.10 6.06
CA ARG A 281 11.98 -12.74 6.27
C ARG A 281 12.12 -14.22 5.97
N MET A 282 11.22 -15.01 6.57
CA MET A 282 11.23 -16.45 6.32
C MET A 282 10.92 -16.75 4.86
N SER A 283 11.51 -17.82 4.36
CA SER A 283 11.15 -18.27 3.03
C SER A 283 9.80 -18.99 3.08
N SER A 284 9.28 -19.28 1.91
CA SER A 284 7.96 -19.89 1.80
C SER A 284 7.98 -21.34 2.30
N PRO A 285 6.96 -21.78 3.03
CA PRO A 285 6.83 -23.22 3.28
C PRO A 285 6.57 -23.94 1.98
N GLU A 286 6.97 -25.21 1.92
CA GLU A 286 6.95 -25.91 0.65
C GLU A 286 5.54 -26.06 0.08
N TYR A 287 4.53 -26.18 0.95
CA TYR A 287 3.17 -26.42 0.50
C TYR A 287 2.29 -25.18 0.55
N ALA A 288 2.86 -24.02 0.84
CA ALA A 288 2.08 -22.80 0.84
C ALA A 288 1.83 -22.38 -0.61
N PRO A 289 0.59 -22.15 -1.01
CA PRO A 289 0.36 -21.58 -2.34
C PRO A 289 1.09 -20.26 -2.48
N ALA A 290 1.53 -19.96 -3.71
CA ALA A 290 2.27 -18.74 -3.94
C ALA A 290 1.46 -17.53 -3.49
N GLU A 291 0.15 -17.53 -3.78
CA GLU A 291 -0.71 -16.42 -3.39
CA GLU A 291 -0.67 -16.39 -3.39
C GLU A 291 -0.77 -16.26 -1.87
N MET A 292 -0.65 -17.37 -1.13
CA MET A 292 -0.66 -17.27 0.33
C MET A 292 0.68 -16.76 0.86
N TYR A 293 1.78 -17.16 0.24
CA TYR A 293 3.07 -16.59 0.63
C TYR A 293 3.12 -15.09 0.35
N ASP A 294 2.48 -14.64 -0.74
CA ASP A 294 2.43 -13.21 -1.02
C ASP A 294 1.79 -12.45 0.13
N ILE A 295 0.69 -13.01 0.68
CA ILE A 295 0.04 -12.39 1.83
C ILE A 295 1.01 -12.33 3.01
N MET A 296 1.73 -13.43 3.26
CA MET A 296 2.72 -13.47 4.34
C MET A 296 3.72 -12.33 4.19
N LYS A 297 4.25 -12.14 2.98
CA LYS A 297 5.25 -11.10 2.75
C LYS A 297 4.69 -9.70 3.03
N THR A 298 3.44 -9.44 2.61
CA THR A 298 2.84 -8.13 2.87
C THR A 298 2.54 -7.95 4.36
N CYS A 299 2.17 -9.03 5.06
CA CYS A 299 1.98 -8.97 6.50
C CYS A 299 3.28 -8.61 7.21
N TRP A 300 4.42 -8.97 6.63
CA TRP A 300 5.73 -8.75 7.24
C TRP A 300 6.43 -7.51 6.71
N ASP A 301 5.69 -6.58 6.11
CA ASP A 301 6.31 -5.33 5.68
C ASP A 301 6.81 -4.55 6.89
N ALA A 302 8.04 -4.02 6.79
CA ALA A 302 8.61 -3.26 7.90
C ALA A 302 7.77 -2.03 8.22
N ASP A 303 7.11 -1.46 7.22
CA ASP A 303 6.24 -0.31 7.42
C ASP A 303 4.86 -0.83 7.79
N PRO A 304 4.39 -0.61 9.01
CA PRO A 304 3.05 -1.12 9.38
C PRO A 304 1.95 -0.59 8.49
N ASP A 305 2.12 0.62 7.93
CA ASP A 305 1.08 1.20 7.08
C ASP A 305 0.91 0.47 5.76
N LYS A 306 1.94 -0.26 5.32
CA LYS A 306 1.88 -1.00 4.06
C LYS A 306 1.37 -2.42 4.25
N ARG A 307 1.17 -2.88 5.48
CA ARG A 307 0.59 -4.18 5.69
C ARG A 307 -0.90 -4.12 5.36
N PRO A 308 -1.47 -5.22 4.89
CA PRO A 308 -2.92 -5.24 4.65
C PRO A 308 -3.69 -5.25 5.96
N THR A 309 -4.95 -4.85 5.87
CA THR A 309 -5.86 -5.05 6.99
C THR A 309 -6.43 -6.46 6.94
N PHE A 310 -7.01 -6.89 8.06
CA PHE A 310 -7.66 -8.19 8.04
C PHE A 310 -8.85 -8.21 7.10
N LYS A 311 -9.55 -7.09 6.94
CA LYS A 311 -10.66 -7.05 6.00
C LYS A 311 -10.16 -7.34 4.58
N GLN A 312 -9.01 -6.76 4.21
CA GLN A 312 -8.43 -7.02 2.91
C GLN A 312 -7.97 -8.48 2.79
N ILE A 313 -7.33 -9.02 3.83
CA ILE A 313 -6.89 -10.41 3.80
C ILE A 313 -8.07 -11.33 3.54
N VAL A 314 -9.19 -11.09 4.23
CA VAL A 314 -10.39 -11.91 4.07
C VAL A 314 -10.82 -11.90 2.60
N GLN A 315 -10.93 -10.71 2.00
CA GLN A 315 -11.36 -10.63 0.61
C GLN A 315 -10.39 -11.37 -0.31
N ASP A 316 -9.08 -11.22 -0.08
CA ASP A 316 -8.09 -11.93 -0.88
C ASP A 316 -8.28 -13.44 -0.80
N ILE A 317 -8.36 -13.96 0.42
CA ILE A 317 -8.48 -15.41 0.57
C ILE A 317 -9.80 -15.91 0.00
N GLU A 318 -10.87 -15.12 0.12
CA GLU A 318 -12.15 -15.49 -0.49
C GLU A 318 -12.00 -15.70 -2.00
N LYS A 319 -11.24 -14.82 -2.66
CA LYS A 319 -11.05 -14.98 -4.10
C LYS A 319 -10.28 -16.26 -4.41
N GLN A 320 -9.26 -16.57 -3.60
CA GLN A 320 -8.49 -17.78 -3.83
C GLN A 320 -9.34 -19.03 -3.71
N ILE A 321 -10.25 -19.04 -2.73
CA ILE A 321 -11.07 -20.22 -2.48
C ILE A 321 -11.98 -20.52 -3.67
N SER A 322 -12.46 -19.47 -4.35
CA SER A 322 -13.34 -19.68 -5.50
C SER A 322 -12.58 -20.29 -6.67
N GLU A 323 -11.38 -19.81 -6.94
CA GLU A 323 -10.59 -20.30 -8.06
C GLU A 323 -10.02 -21.69 -7.81
N ASN B 19 37.00 -0.70 -11.68
CA ASN B 19 36.62 0.33 -12.64
C ASN B 19 36.24 -0.27 -13.99
N ASN B 20 36.28 -1.61 -14.07
CA ASN B 20 35.93 -2.32 -15.29
C ASN B 20 34.46 -2.19 -15.64
N TYR B 21 33.59 -1.91 -14.67
CA TYR B 21 32.17 -1.72 -14.88
C TYR B 21 31.83 -0.25 -14.72
N SER B 22 31.11 0.31 -15.68
CA SER B 22 30.76 1.71 -15.63
C SER B 22 29.34 1.90 -16.14
N TYR B 23 28.74 3.02 -15.73
CA TYR B 23 27.44 3.41 -16.26
C TYR B 23 27.61 3.97 -17.66
N ILE B 24 26.71 3.57 -18.55
CA ILE B 24 26.73 4.03 -19.93
C ILE B 24 25.96 5.35 -19.97
N ASP B 25 26.67 6.44 -20.25
CA ASP B 25 26.08 7.76 -20.32
C ASP B 25 25.51 7.95 -21.71
N PRO B 26 24.18 7.99 -21.86
CA PRO B 26 23.58 8.08 -23.20
C PRO B 26 24.01 9.31 -23.97
N THR B 27 24.31 10.42 -23.29
CA THR B 27 24.79 11.62 -23.99
C THR B 27 26.17 11.42 -24.59
N GLN B 28 26.92 10.41 -24.13
CA GLN B 28 28.22 10.10 -24.72
C GLN B 28 28.12 9.18 -25.92
N LEU B 29 26.97 8.55 -26.15
CA LEU B 29 26.82 7.63 -27.27
C LEU B 29 26.72 8.42 -28.57
N PRO B 30 27.13 7.83 -29.68
CA PRO B 30 27.03 8.55 -30.96
C PRO B 30 25.59 8.70 -31.39
N TYR B 31 25.32 9.78 -32.11
CA TYR B 31 23.99 9.98 -32.70
C TYR B 31 23.70 8.87 -33.69
N ASP B 32 22.48 8.33 -33.63
CA ASP B 32 22.06 7.22 -34.49
C ASP B 32 21.35 7.78 -35.72
N HIS B 33 21.92 7.55 -36.90
CA HIS B 33 21.37 8.13 -38.12
C HIS B 33 20.05 7.49 -38.55
N LYS B 34 19.57 6.47 -37.85
CA LYS B 34 18.21 5.98 -38.10
C LYS B 34 17.17 7.06 -37.89
N TRP B 35 17.47 8.09 -37.10
CA TRP B 35 16.52 9.17 -36.86
C TRP B 35 16.50 10.22 -37.97
N GLU B 36 17.51 10.24 -38.84
CA GLU B 36 17.66 11.36 -39.76
C GLU B 36 16.50 11.40 -40.76
N PHE B 37 16.01 12.61 -41.03
CA PHE B 37 14.86 12.84 -41.89
C PHE B 37 15.09 14.11 -42.71
N PRO B 38 14.73 14.10 -44.00
CA PRO B 38 15.00 15.28 -44.83
C PRO B 38 14.13 16.46 -44.39
N ARG B 39 14.78 17.57 -44.04
CA ARG B 39 14.03 18.75 -43.60
C ARG B 39 13.08 19.26 -44.68
N ASN B 40 13.42 19.08 -45.97
CA ASN B 40 12.56 19.58 -47.04
C ASN B 40 11.24 18.83 -47.15
N ARG B 41 11.07 17.72 -46.43
CA ARG B 41 9.78 17.03 -46.38
C ARG B 41 8.91 17.53 -45.25
N LEU B 42 9.32 18.60 -44.57
CA LEU B 42 8.57 19.22 -43.48
C LEU B 42 7.95 20.51 -44.00
N SER B 43 6.66 20.72 -43.69
CA SER B 43 6.00 22.00 -43.92
C SER B 43 5.52 22.53 -42.58
N PHE B 44 6.03 23.69 -42.18
CA PHE B 44 5.78 24.23 -40.85
C PHE B 44 4.42 24.92 -40.77
N GLY B 45 3.75 24.75 -39.63
CA GLY B 45 2.49 25.43 -39.39
C GLY B 45 2.54 26.33 -38.18
N LYS B 46 1.57 26.21 -37.29
CA LYS B 46 1.45 27.11 -36.16
C LYS B 46 2.52 26.85 -35.11
N THR B 47 2.97 27.92 -34.47
CA THR B 47 3.91 27.81 -33.36
C THR B 47 3.19 27.33 -32.11
N LEU B 48 3.67 26.24 -31.53
CA LEU B 48 3.08 25.68 -30.34
C LEU B 48 3.73 26.20 -29.06
N GLY B 49 5.00 26.57 -29.13
CA GLY B 49 5.69 27.16 -28.01
C GLY B 49 6.87 27.94 -28.51
N ALA B 50 7.21 29.02 -27.80
CA ALA B 50 8.36 29.85 -28.15
C ALA B 50 9.05 30.35 -26.90
N GLY B 51 10.37 30.41 -26.96
CA GLY B 51 11.17 30.83 -25.83
C GLY B 51 12.54 31.29 -26.27
N ALA B 52 13.46 31.32 -25.32
CA ALA B 52 14.79 31.87 -25.57
C ALA B 52 15.57 31.03 -26.58
N PHE B 53 15.53 29.70 -26.45
CA PHE B 53 16.37 28.84 -27.28
C PHE B 53 15.80 28.61 -28.67
N GLY B 54 14.53 28.89 -28.88
CA GLY B 54 13.93 28.65 -30.18
C GLY B 54 12.43 28.54 -30.06
N LYS B 55 11.86 27.72 -30.93
CA LYS B 55 10.42 27.52 -30.98
C LYS B 55 10.12 26.06 -31.24
N VAL B 56 8.89 25.67 -30.92
CA VAL B 56 8.33 24.38 -31.30
C VAL B 56 7.11 24.66 -32.14
N VAL B 57 7.08 24.11 -33.34
CA VAL B 57 6.00 24.40 -34.28
C VAL B 57 5.31 23.10 -34.66
N GLU B 58 4.01 23.21 -34.95
CA GLU B 58 3.33 22.09 -35.59
C GLU B 58 3.74 22.02 -37.06
N ALA B 59 3.92 20.82 -37.56
CA ALA B 59 4.37 20.65 -38.94
C ALA B 59 3.78 19.38 -39.53
N THR B 60 3.77 19.34 -40.86
CA THR B 60 3.42 18.17 -41.63
C THR B 60 4.71 17.50 -42.11
N ALA B 61 4.82 16.19 -41.88
CA ALA B 61 5.98 15.41 -42.28
C ALA B 61 5.58 14.45 -43.39
N GLN B 62 6.09 14.69 -44.59
CA GLN B 62 5.73 13.89 -45.76
C GLN B 62 6.63 12.66 -45.84
N GLY B 63 6.02 11.48 -45.78
CA GLY B 63 6.77 10.23 -45.88
C GLY B 63 7.54 9.84 -44.64
N LEU B 64 7.14 10.31 -43.46
CA LEU B 64 7.89 10.04 -42.25
C LEU B 64 7.81 8.57 -41.84
N ILE B 65 6.60 8.03 -41.67
CA ILE B 65 6.43 6.63 -41.31
C ILE B 65 6.07 5.78 -42.52
N LYS B 66 5.05 6.20 -43.27
CA LYS B 66 4.68 5.57 -44.52
C LYS B 66 5.11 6.47 -45.66
N SER B 67 5.70 5.87 -46.69
CA SER B 67 6.32 6.64 -47.77
C SER B 67 5.33 7.57 -48.45
N ASP B 68 4.06 7.17 -48.55
CA ASP B 68 3.05 7.90 -49.29
C ASP B 68 2.16 8.79 -48.42
N ALA B 69 2.34 8.79 -47.11
CA ALA B 69 1.42 9.49 -46.22
C ALA B 69 2.11 10.65 -45.53
N ALA B 70 1.33 11.71 -45.27
CA ALA B 70 1.78 12.86 -44.50
C ALA B 70 1.14 12.82 -43.13
N MET B 71 1.92 13.18 -42.11
CA MET B 71 1.41 13.19 -40.74
C MET B 71 1.78 14.48 -40.04
N THR B 72 0.92 14.88 -39.10
CA THR B 72 1.21 16.02 -38.26
C THR B 72 2.22 15.63 -37.18
N VAL B 73 3.21 16.48 -36.97
CA VAL B 73 4.26 16.28 -35.98
C VAL B 73 4.54 17.61 -35.32
N ALA B 74 5.35 17.57 -34.26
CA ALA B 74 5.91 18.75 -33.64
C ALA B 74 7.40 18.80 -33.96
N VAL B 75 7.89 19.99 -34.28
CA VAL B 75 9.29 20.20 -34.61
C VAL B 75 9.86 21.23 -33.66
N LYS B 76 10.86 20.82 -32.89
CA LYS B 76 11.58 21.72 -32.01
C LYS B 76 12.81 22.20 -32.75
N MET B 77 13.08 23.50 -32.70
CA MET B 77 14.18 24.03 -33.47
C MET B 77 14.94 25.05 -32.66
N LEU B 78 16.25 25.05 -32.81
CA LEU B 78 17.02 26.07 -32.14
C LEU B 78 17.04 27.33 -32.97
N LYS B 79 17.32 28.45 -32.32
CA LYS B 79 17.55 29.65 -33.08
C LYS B 79 18.88 29.52 -33.81
N PRO B 80 19.03 30.18 -34.96
CA PRO B 80 20.35 30.20 -35.60
C PRO B 80 21.42 30.74 -34.67
N SER B 81 21.05 31.73 -33.84
CA SER B 81 21.95 32.34 -32.88
C SER B 81 22.45 31.39 -31.80
N ALA B 82 21.92 30.17 -31.71
CA ALA B 82 22.33 29.29 -30.61
C ALA B 82 23.81 28.92 -30.74
N HIS B 83 24.50 28.94 -29.60
CA HIS B 83 25.90 28.59 -29.51
C HIS B 83 26.07 27.07 -29.55
N SER B 84 27.30 26.64 -29.80
CA SER B 84 27.58 25.21 -29.88
C SER B 84 27.16 24.50 -28.61
N THR B 85 27.27 25.17 -27.46
CA THR B 85 26.81 24.57 -26.20
C THR B 85 25.30 24.34 -26.22
N GLU B 86 24.53 25.27 -26.79
CA GLU B 86 23.09 25.05 -26.92
C GLU B 86 22.80 23.94 -27.91
N ARG B 87 23.50 23.89 -29.04
CA ARG B 87 23.28 22.80 -29.99
C ARG B 87 23.64 21.46 -29.37
N GLU B 88 24.75 21.40 -28.64
CA GLU B 88 25.12 20.17 -27.94
C GLU B 88 24.07 19.79 -26.90
N ALA B 89 23.45 20.77 -26.25
CA ALA B 89 22.40 20.47 -25.28
C ALA B 89 21.18 19.87 -25.97
N LEU B 90 20.77 20.44 -27.11
CA LEU B 90 19.66 19.87 -27.85
C LEU B 90 19.98 18.47 -28.34
N MET B 91 21.21 18.24 -28.81
CA MET B 91 21.63 16.90 -29.20
C MET B 91 21.64 15.96 -28.01
N SER B 92 22.05 16.45 -26.84
CA SER B 92 22.01 15.65 -25.63
C SER B 92 20.59 15.22 -25.31
N GLU B 93 19.62 16.13 -25.42
CA GLU B 93 18.22 15.76 -25.21
C GLU B 93 17.78 14.74 -26.23
N LEU B 94 18.23 14.90 -27.48
CA LEU B 94 17.91 13.94 -28.52
C LEU B 94 18.44 12.55 -28.16
N LYS B 95 19.72 12.48 -27.76
CA LYS B 95 20.29 11.18 -27.40
C LYS B 95 19.58 10.57 -26.20
N VAL B 96 19.17 11.40 -25.23
CA VAL B 96 18.46 10.88 -24.07
C VAL B 96 17.14 10.22 -24.50
N LEU B 97 16.37 10.91 -25.36
CA LEU B 97 15.13 10.32 -25.87
C LEU B 97 15.41 9.05 -26.65
N SER B 98 16.50 9.02 -27.41
CA SER B 98 16.81 7.83 -28.21
C SER B 98 17.14 6.63 -27.32
N TYR B 99 17.93 6.85 -26.27
CA TYR B 99 18.28 5.77 -25.35
C TYR B 99 17.07 5.35 -24.52
N LEU B 100 16.22 6.32 -24.13
CA LEU B 100 15.04 6.01 -23.33
C LEU B 100 14.19 4.92 -23.97
N GLY B 101 13.89 5.09 -25.25
CA GLY B 101 12.96 4.23 -25.93
C GLY B 101 11.54 4.76 -25.86
N ASN B 102 10.66 4.08 -26.58
CA ASN B 102 9.28 4.53 -26.73
C ASN B 102 8.47 4.18 -25.49
N HIS B 103 7.60 5.10 -25.09
CA HIS B 103 6.62 4.81 -24.05
C HIS B 103 5.34 5.58 -24.34
N GLU B 104 4.22 4.96 -23.97
CA GLU B 104 2.90 5.51 -24.27
C GLU B 104 2.67 6.88 -23.64
N ASN B 105 3.23 7.14 -22.46
CA ASN B 105 2.89 8.33 -21.71
C ASN B 105 3.98 9.39 -21.75
N ILE B 106 4.86 9.35 -22.76
CA ILE B 106 5.78 10.45 -23.01
C ILE B 106 5.62 10.88 -24.45
N VAL B 107 6.01 12.13 -24.73
CA VAL B 107 6.04 12.63 -26.10
C VAL B 107 7.27 12.02 -26.76
N ASN B 108 7.05 11.07 -27.66
CA ASN B 108 8.13 10.25 -28.19
C ASN B 108 8.84 10.97 -29.34
N LEU B 109 10.12 10.62 -29.49
CA LEU B 109 10.93 11.10 -30.59
C LEU B 109 10.56 10.36 -31.88
N LEU B 110 10.45 11.12 -32.97
CA LEU B 110 10.18 10.53 -34.28
C LEU B 110 11.30 10.71 -35.30
N GLY B 111 12.17 11.69 -35.13
CA GLY B 111 13.26 11.88 -36.07
C GLY B 111 13.97 13.18 -35.77
N ALA B 112 14.94 13.49 -36.64
CA ALA B 112 15.74 14.68 -36.43
C ALA B 112 16.34 15.11 -37.76
N CYS B 113 16.64 16.41 -37.87
CA CYS B 113 17.37 16.97 -39.00
C CYS B 113 18.63 17.61 -38.44
N THR B 114 19.79 17.02 -38.73
CA THR B 114 21.04 17.46 -38.11
C THR B 114 22.00 18.12 -39.09
N HIS B 115 21.60 18.30 -40.33
CA HIS B 115 22.40 19.03 -41.30
C HIS B 115 21.47 19.72 -42.28
N GLY B 116 22.04 20.57 -43.12
CA GLY B 116 21.26 21.40 -44.01
C GLY B 116 20.61 22.60 -43.36
N GLY B 117 20.99 22.94 -42.14
CA GLY B 117 20.37 24.04 -41.45
C GLY B 117 20.42 23.83 -39.95
N PRO B 118 19.65 24.62 -39.20
CA PRO B 118 19.64 24.44 -37.75
C PRO B 118 19.11 23.06 -37.40
N THR B 119 19.55 22.56 -36.25
CA THR B 119 19.15 21.25 -35.77
C THR B 119 17.66 21.25 -35.46
N LEU B 120 16.94 20.26 -36.01
CA LEU B 120 15.52 20.09 -35.79
C LEU B 120 15.27 18.74 -35.12
N VAL B 121 14.41 18.72 -34.10
CA VAL B 121 14.01 17.49 -33.42
C VAL B 121 12.52 17.29 -33.66
N ILE B 122 12.15 16.12 -34.19
CA ILE B 122 10.77 15.84 -34.56
C ILE B 122 10.17 14.91 -33.52
N THR B 123 9.04 15.30 -32.94
CA THR B 123 8.36 14.48 -31.95
C THR B 123 6.89 14.33 -32.31
N GLU B 124 6.20 13.49 -31.55
CA GLU B 124 4.76 13.33 -31.70
C GLU B 124 4.05 14.65 -31.46
N TYR B 125 2.94 14.86 -32.16
CA TYR B 125 2.08 16.02 -31.96
C TYR B 125 0.87 15.61 -31.14
N CYS B 126 0.59 16.35 -30.07
CA CYS B 126 -0.52 16.06 -29.16
C CYS B 126 -1.64 17.05 -29.44
N CYS B 127 -2.73 16.55 -30.02
CA CYS B 127 -3.71 17.42 -30.66
C CYS B 127 -4.49 18.31 -29.68
N TYR B 128 -4.59 17.95 -28.41
CA TYR B 128 -5.39 18.72 -27.46
C TYR B 128 -4.57 19.70 -26.63
N GLY B 129 -3.27 19.83 -26.87
CA GLY B 129 -2.49 20.81 -26.15
C GLY B 129 -2.19 20.40 -24.71
N ASP B 130 -1.77 21.39 -23.93
CA ASP B 130 -1.32 21.12 -22.58
C ASP B 130 -2.51 20.88 -21.64
N LEU B 131 -2.27 20.04 -20.63
CA LEU B 131 -3.35 19.63 -19.73
C LEU B 131 -3.86 20.79 -18.87
N LEU B 132 -2.98 21.72 -18.51
CA LEU B 132 -3.42 22.84 -17.68
C LEU B 132 -4.49 23.67 -18.38
N ASN B 133 -4.19 24.11 -19.61
CA ASN B 133 -5.18 24.85 -20.38
CA ASN B 133 -5.18 24.86 -20.37
C ASN B 133 -6.41 24.00 -20.68
N PHE B 134 -6.22 22.70 -20.88
CA PHE B 134 -7.36 21.80 -21.09
C PHE B 134 -8.26 21.77 -19.87
N LEU B 135 -7.67 21.66 -18.68
CA LEU B 135 -8.46 21.65 -17.45
C LEU B 135 -9.24 22.94 -17.29
N ARG B 136 -8.58 24.08 -17.53
CA ARG B 136 -9.24 25.37 -17.38
C ARG B 136 -10.35 25.56 -18.40
N ARG B 137 -10.23 24.93 -19.57
CA ARG B 137 -11.25 25.03 -20.61
C ARG B 137 -12.48 24.19 -20.28
N LYS B 138 -12.33 23.13 -19.49
CA LYS B 138 -13.41 22.17 -19.26
C LYS B 138 -14.02 22.29 -17.88
N ARG B 139 -13.63 23.29 -17.08
CA ARG B 139 -14.10 23.35 -15.70
C ARG B 139 -15.60 23.58 -15.63
N ASP B 140 -16.15 24.43 -16.51
CA ASP B 140 -17.59 24.64 -16.53
C ASP B 140 -18.33 23.36 -16.90
N GLU B 141 -17.78 22.58 -17.82
CA GLU B 141 -18.42 21.33 -18.22
C GLU B 141 -18.18 20.21 -17.23
N PHE B 142 -17.33 20.43 -16.23
CA PHE B 142 -16.95 19.35 -15.34
C PHE B 142 -18.12 18.97 -14.45
N VAL B 143 -18.38 17.67 -14.35
CA VAL B 143 -19.29 17.09 -13.38
C VAL B 143 -18.60 15.86 -12.84
N PRO B 144 -18.66 15.59 -11.53
CA PRO B 144 -17.94 14.42 -11.01
C PRO B 144 -18.34 13.13 -11.69
N TYR B 145 -19.63 12.96 -12.00
CA TYR B 145 -20.12 11.76 -12.67
C TYR B 145 -21.00 12.06 -13.88
N ASP B 155 -20.24 14.51 -23.47
CA ASP B 155 -18.80 14.70 -23.55
C ASP B 155 -18.30 15.71 -22.52
N PHE B 156 -18.66 15.50 -21.27
CA PHE B 156 -18.25 16.36 -20.17
C PHE B 156 -17.08 15.75 -19.43
N LEU B 157 -16.30 16.60 -18.75
CA LEU B 157 -15.20 16.12 -17.94
C LEU B 157 -15.71 15.56 -16.63
N THR B 158 -15.15 14.42 -16.23
CA THR B 158 -15.60 13.70 -15.04
C THR B 158 -14.41 13.33 -14.17
N LEU B 159 -14.73 12.89 -12.94
CA LEU B 159 -13.71 12.41 -12.02
C LEU B 159 -12.95 11.23 -12.59
N GLU B 160 -13.63 10.37 -13.35
CA GLU B 160 -12.96 9.22 -13.96
C GLU B 160 -11.78 9.65 -14.84
N HIS B 161 -11.95 10.74 -15.60
CA HIS B 161 -10.85 11.24 -16.43
C HIS B 161 -9.69 11.70 -15.57
N LEU B 162 -9.98 12.47 -14.52
CA LEU B 162 -8.93 12.98 -13.65
C LEU B 162 -8.12 11.85 -13.04
N LEU B 163 -8.80 10.79 -12.58
CA LEU B 163 -8.08 9.63 -12.04
C LEU B 163 -7.21 8.98 -13.12
N SER B 164 -7.72 8.89 -14.34
CA SER B 164 -6.92 8.34 -15.43
C SER B 164 -5.68 9.19 -15.67
N PHE B 165 -5.83 10.51 -15.70
CA PHE B 165 -4.69 11.40 -15.90
C PHE B 165 -3.65 11.22 -14.80
N SER B 166 -4.11 11.16 -13.54
CA SER B 166 -3.22 10.88 -12.42
C SER B 166 -2.46 9.58 -12.65
N TYR B 167 -3.17 8.55 -13.10
CA TYR B 167 -2.57 7.24 -13.30
C TYR B 167 -1.56 7.27 -14.44
N GLN B 168 -1.92 7.90 -15.56
CA GLN B 168 -1.06 7.88 -16.74
C GLN B 168 0.23 8.66 -16.51
N VAL B 169 0.16 9.80 -15.83
CA VAL B 169 1.37 10.57 -15.55
C VAL B 169 2.27 9.80 -14.58
N ALA B 170 1.69 9.08 -13.64
CA ALA B 170 2.48 8.26 -12.72
C ALA B 170 3.23 7.15 -13.46
N LYS B 171 2.60 6.53 -14.46
CA LYS B 171 3.30 5.50 -15.22
C LYS B 171 4.45 6.10 -16.03
N GLY B 172 4.21 7.25 -16.67
CA GLY B 172 5.28 7.90 -17.41
C GLY B 172 6.47 8.20 -16.52
N MET B 173 6.22 8.79 -15.35
CA MET B 173 7.31 9.10 -14.43
C MET B 173 7.96 7.84 -13.87
N ALA B 174 7.15 6.81 -13.59
CA ALA B 174 7.72 5.52 -13.19
C ALA B 174 8.66 4.99 -14.27
N PHE B 175 8.30 5.16 -15.54
CA PHE B 175 9.16 4.73 -16.63
C PHE B 175 10.44 5.56 -16.67
N LEU B 176 10.32 6.88 -16.57
CA LEU B 176 11.50 7.74 -16.52
C LEU B 176 12.40 7.38 -15.35
N ALA B 177 11.81 7.18 -14.18
CA ALA B 177 12.61 6.82 -13.01
C ALA B 177 13.31 5.48 -13.22
N SER B 178 12.61 4.50 -13.81
CA SER B 178 13.22 3.20 -14.07
C SER B 178 14.42 3.29 -14.99
N LYS B 179 14.53 4.37 -15.77
CA LYS B 179 15.65 4.60 -16.67
C LYS B 179 16.66 5.59 -16.10
N ASN B 180 16.59 5.86 -14.79
CA ASN B 180 17.53 6.73 -14.09
C ASN B 180 17.44 8.18 -14.54
N CYS B 181 16.26 8.62 -14.96
CA CYS B 181 16.07 9.97 -15.46
C CYS B 181 15.21 10.80 -14.52
N ILE B 182 15.57 12.08 -14.38
CA ILE B 182 14.82 13.03 -13.57
CA ILE B 182 14.82 13.03 -13.57
C ILE B 182 14.28 14.10 -14.50
N HIS B 183 12.99 14.42 -14.36
CA HIS B 183 12.36 15.38 -15.26
C HIS B 183 12.73 16.82 -14.90
N ARG B 184 12.58 17.19 -13.63
CA ARG B 184 12.94 18.47 -13.01
C ARG B 184 11.97 19.61 -13.32
N ASP B 185 10.98 19.41 -14.18
CA ASP B 185 9.96 20.44 -14.42
C ASP B 185 8.60 19.80 -14.63
N LEU B 186 8.23 18.88 -13.75
CA LEU B 186 6.92 18.25 -13.82
C LEU B 186 5.84 19.23 -13.37
N ALA B 187 4.83 19.43 -14.20
CA ALA B 187 3.74 20.37 -13.94
C ALA B 187 2.66 20.14 -14.98
N ALA B 188 1.46 20.63 -14.70
CA ALA B 188 0.34 20.40 -15.61
C ALA B 188 0.59 21.03 -16.98
N ARG B 189 1.29 22.16 -17.02
CA ARG B 189 1.61 22.79 -18.29
C ARG B 189 2.54 21.93 -19.15
N ASN B 190 3.25 20.97 -18.56
CA ASN B 190 4.15 20.09 -19.30
C ASN B 190 3.58 18.68 -19.46
N ILE B 191 2.27 18.54 -19.32
CA ILE B 191 1.55 17.34 -19.69
C ILE B 191 0.69 17.70 -20.89
N LEU B 192 0.75 16.89 -21.94
CA LEU B 192 -0.03 17.11 -23.14
C LEU B 192 -1.09 16.02 -23.28
N LEU B 193 -2.17 16.35 -23.97
CA LEU B 193 -3.29 15.44 -24.16
C LEU B 193 -3.48 15.20 -25.65
N THR B 194 -3.62 13.93 -26.03
CA THR B 194 -3.78 13.55 -27.43
C THR B 194 -5.01 12.66 -27.60
N HIS B 195 -5.15 12.03 -28.77
CA HIS B 195 -6.34 11.22 -29.04
C HIS B 195 -6.52 10.12 -28.00
N GLY B 196 -7.76 9.82 -27.67
CA GLY B 196 -8.06 8.76 -26.73
C GLY B 196 -7.80 9.10 -25.28
N ASN B 197 -7.76 10.38 -24.93
CA ASN B 197 -7.50 10.82 -23.56
C ASN B 197 -6.20 10.21 -23.02
N ILE B 198 -5.17 10.19 -23.85
CA ILE B 198 -3.84 9.74 -23.45
C ILE B 198 -3.02 10.96 -23.12
N THR B 199 -2.45 10.99 -21.92
CA THR B 199 -1.59 12.08 -21.48
C THR B 199 -0.13 11.70 -21.71
N LYS B 200 0.67 12.66 -22.17
CA LYS B 200 2.08 12.42 -22.45
C LYS B 200 2.91 13.52 -21.81
N ILE B 201 3.96 13.12 -21.09
CA ILE B 201 4.88 14.06 -20.48
C ILE B 201 5.78 14.63 -21.58
N CYS B 202 5.91 15.96 -21.60
CA CYS B 202 6.69 16.64 -22.63
C CYS B 202 7.74 17.55 -21.99
N ASP B 203 8.57 18.09 -22.88
CA ASP B 203 9.66 19.01 -22.55
C ASP B 203 10.69 18.37 -21.64
N PHE B 204 11.65 17.69 -22.25
CA PHE B 204 12.79 17.06 -21.59
C PHE B 204 14.06 17.92 -21.65
N GLY B 205 13.91 19.22 -21.87
CA GLY B 205 15.04 20.13 -22.03
C GLY B 205 16.15 19.95 -21.01
N LEU B 206 15.78 19.77 -19.75
CA LEU B 206 16.73 19.54 -18.67
C LEU B 206 16.40 18.25 -17.92
N ALA B 207 15.84 17.26 -18.61
CA ALA B 207 15.77 15.93 -18.05
C ALA B 207 17.16 15.32 -18.02
N ARG B 208 17.54 14.72 -16.88
CA ARG B 208 18.92 14.31 -16.67
C ARG B 208 18.98 12.87 -16.18
N ASP B 209 20.04 12.17 -16.59
CA ASP B 209 20.27 10.80 -16.17
C ASP B 209 21.08 10.74 -14.88
N ARG B 223 16.02 30.90 -14.10
CA ARG B 223 14.61 31.01 -13.72
C ARG B 223 14.01 29.63 -13.49
N LEU B 224 13.43 29.42 -12.30
CA LEU B 224 12.96 28.11 -11.86
C LEU B 224 11.47 28.13 -11.51
N PRO B 225 10.78 26.99 -11.64
CA PRO B 225 9.34 26.90 -11.28
C PRO B 225 9.16 26.67 -9.78
N VAL B 226 9.33 27.76 -9.02
CA VAL B 226 9.49 27.67 -7.57
C VAL B 226 8.33 26.94 -6.91
N LYS B 227 7.09 27.24 -7.31
CA LYS B 227 5.94 26.66 -6.63
C LYS B 227 5.79 25.17 -6.87
N TRP B 228 6.54 24.59 -7.80
CA TRP B 228 6.53 23.16 -8.07
C TRP B 228 7.72 22.44 -7.48
N MET B 229 8.66 23.16 -6.88
CA MET B 229 9.94 22.59 -6.47
C MET B 229 9.91 22.10 -5.03
N ALA B 230 10.64 21.00 -4.80
CA ALA B 230 10.83 20.49 -3.45
C ALA B 230 11.74 21.43 -2.66
N PRO B 231 11.60 21.48 -1.33
CA PRO B 231 12.45 22.39 -0.55
C PRO B 231 13.94 22.15 -0.73
N GLU B 232 14.38 20.89 -0.82
CA GLU B 232 15.80 20.64 -1.04
C GLU B 232 16.28 21.15 -2.39
N SER B 233 15.40 21.19 -3.40
CA SER B 233 15.76 21.80 -4.68
C SER B 233 15.89 23.31 -4.53
N ILE B 234 14.96 23.95 -3.81
CA ILE B 234 15.03 25.39 -3.64
C ILE B 234 16.26 25.77 -2.80
N PHE B 235 16.44 25.12 -1.65
CA PHE B 235 17.45 25.58 -0.70
C PHE B 235 18.84 25.07 -1.03
N ASN B 236 18.96 23.88 -1.62
CA ASN B 236 20.26 23.28 -1.86
C ASN B 236 20.51 22.94 -3.33
N SER B 237 19.58 23.27 -4.22
CA SER B 237 19.74 23.05 -5.66
C SER B 237 20.04 21.59 -5.99
N VAL B 238 19.46 20.67 -5.24
CA VAL B 238 19.61 19.24 -5.49
C VAL B 238 18.32 18.72 -6.11
N TYR B 239 18.46 17.89 -7.13
CA TYR B 239 17.34 17.29 -7.86
C TYR B 239 17.47 15.78 -7.84
N THR B 240 16.40 15.09 -7.46
CA THR B 240 16.42 13.65 -7.26
C THR B 240 15.13 13.05 -7.79
N PHE B 241 15.06 11.73 -7.76
CA PHE B 241 13.78 11.07 -7.97
C PHE B 241 12.72 11.61 -7.01
N GLU B 242 13.12 11.87 -5.77
CA GLU B 242 12.18 12.32 -4.75
C GLU B 242 11.68 13.73 -5.02
N SER B 243 12.55 14.61 -5.55
CA SER B 243 12.09 15.95 -5.88
C SER B 243 11.07 15.93 -7.01
N ASP B 244 11.23 15.02 -7.98
CA ASP B 244 10.21 14.84 -9.01
C ASP B 244 8.88 14.38 -8.39
N VAL B 245 8.94 13.55 -7.35
CA VAL B 245 7.70 13.09 -6.68
C VAL B 245 6.99 14.25 -6.01
N TRP B 246 7.74 15.15 -5.39
CA TRP B 246 7.15 16.37 -4.83
C TRP B 246 6.40 17.15 -5.92
N SER B 247 7.05 17.35 -7.07
CA SER B 247 6.41 18.07 -8.16
C SER B 247 5.14 17.36 -8.63
N TYR B 248 5.16 16.02 -8.62
CA TYR B 248 3.96 15.26 -8.98
C TYR B 248 2.82 15.55 -8.02
N GLY B 249 3.13 15.72 -6.73
CA GLY B 249 2.11 16.09 -5.77
C GLY B 249 1.49 17.43 -6.11
N ILE B 250 2.31 18.41 -6.50
CA ILE B 250 1.79 19.70 -6.93
C ILE B 250 0.93 19.53 -8.19
N PHE B 251 1.37 18.69 -9.11
CA PHE B 251 0.58 18.40 -10.31
C PHE B 251 -0.79 17.82 -9.93
N LEU B 252 -0.83 16.92 -8.95
CA LEU B 252 -2.10 16.35 -8.52
C LEU B 252 -3.05 17.43 -8.01
N TRP B 253 -2.51 18.41 -7.27
CA TRP B 253 -3.34 19.52 -6.81
C TRP B 253 -3.85 20.34 -7.99
N GLU B 254 -2.98 20.61 -8.97
CA GLU B 254 -3.42 21.27 -10.20
C GLU B 254 -4.55 20.49 -10.86
N LEU B 255 -4.41 19.18 -10.97
CA LEU B 255 -5.38 18.36 -11.68
C LEU B 255 -6.74 18.43 -11.01
N PHE B 256 -6.80 18.08 -9.72
CA PHE B 256 -8.07 18.03 -9.01
C PHE B 256 -8.60 19.40 -8.61
N SER B 257 -7.82 20.47 -8.81
CA SER B 257 -8.34 21.82 -8.71
C SER B 257 -8.83 22.35 -10.06
N LEU B 258 -8.83 21.50 -11.09
CA LEU B 258 -9.22 21.89 -12.44
C LEU B 258 -8.40 23.07 -12.94
N GLY B 259 -7.09 23.00 -12.72
CA GLY B 259 -6.17 23.96 -13.29
C GLY B 259 -5.99 25.23 -12.51
N SER B 260 -6.32 25.24 -11.22
CA SER B 260 -5.99 26.40 -10.40
C SER B 260 -4.48 26.51 -10.24
N SER B 261 -4.00 27.74 -10.08
CA SER B 261 -2.59 27.93 -9.81
C SER B 261 -2.28 27.49 -8.38
N PRO B 262 -1.15 26.83 -8.16
CA PRO B 262 -0.80 26.40 -6.80
C PRO B 262 -0.55 27.58 -5.87
N TYR B 263 -0.73 27.33 -4.58
CA TYR B 263 -0.57 28.34 -3.54
C TYR B 263 -1.29 29.63 -3.92
N PRO B 264 -2.61 29.58 -4.10
CA PRO B 264 -3.33 30.74 -4.66
C PRO B 264 -3.17 31.98 -3.79
N GLY B 265 -2.98 33.13 -4.46
CA GLY B 265 -2.82 34.39 -3.76
C GLY B 265 -1.54 34.52 -2.96
N MET B 266 -0.60 33.58 -3.12
CA MET B 266 0.65 33.61 -2.39
C MET B 266 1.76 33.97 -3.35
N PRO B 267 2.48 35.06 -3.13
CA PRO B 267 3.61 35.39 -4.01
C PRO B 267 4.83 34.57 -3.65
N VAL B 268 5.75 34.49 -4.60
CA VAL B 268 7.05 33.86 -4.33
C VAL B 268 7.92 34.93 -3.70
N ASP B 269 8.07 34.87 -2.38
CA ASP B 269 8.81 35.86 -1.62
C ASP B 269 9.36 35.18 -0.37
N SER B 270 9.90 36.00 0.55
CA SER B 270 10.45 35.47 1.79
C SER B 270 9.41 34.67 2.58
N LYS B 271 8.18 35.18 2.64
CA LYS B 271 7.13 34.49 3.41
C LYS B 271 6.85 33.11 2.84
N PHE B 272 6.82 33.00 1.51
CA PHE B 272 6.54 31.71 0.88
C PHE B 272 7.57 30.67 1.31
N TYR B 273 8.86 30.99 1.15
CA TYR B 273 9.90 30.03 1.50
C TYR B 273 9.81 29.65 2.96
N LYS B 274 9.57 30.62 3.85
CA LYS B 274 9.50 30.35 5.28
C LYS B 274 8.33 29.42 5.61
N MET B 275 7.16 29.68 5.01
CA MET B 275 5.99 28.82 5.26
C MET B 275 6.25 27.40 4.79
N ILE B 276 6.79 27.26 3.57
CA ILE B 276 7.15 25.94 3.06
C ILE B 276 8.09 25.24 4.03
N LYS B 277 9.13 25.95 4.47
CA LYS B 277 10.09 25.35 5.40
C LYS B 277 9.42 24.94 6.70
N GLU B 278 8.50 25.75 7.21
CA GLU B 278 7.85 25.48 8.48
C GLU B 278 6.79 24.40 8.39
N GLY B 279 6.44 23.94 7.19
CA GLY B 279 5.51 22.84 7.05
C GLY B 279 4.17 23.18 6.46
N PHE B 280 3.97 24.41 5.96
CA PHE B 280 2.71 24.73 5.31
C PHE B 280 2.54 23.88 4.05
N ARG B 281 1.35 23.32 3.87
CA ARG B 281 1.01 22.58 2.67
C ARG B 281 -0.37 23.02 2.21
N MET B 282 -0.63 22.90 0.91
CA MET B 282 -1.95 23.27 0.40
C MET B 282 -3.01 22.32 0.95
N SER B 283 -4.21 22.85 1.16
CA SER B 283 -5.33 22.01 1.57
C SER B 283 -5.85 21.25 0.36
N SER B 284 -6.79 20.34 0.60
CA SER B 284 -7.28 19.49 -0.46
C SER B 284 -8.06 20.30 -1.48
N PRO B 285 -7.84 20.06 -2.78
CA PRO B 285 -8.71 20.65 -3.79
C PRO B 285 -10.12 20.07 -3.72
N GLU B 286 -11.07 20.85 -4.21
CA GLU B 286 -12.49 20.53 -4.04
C GLU B 286 -12.89 19.24 -4.75
N TYR B 287 -12.18 18.81 -5.77
CA TYR B 287 -12.55 17.58 -6.46
C TYR B 287 -11.62 16.41 -6.17
N ALA B 288 -10.69 16.56 -5.23
CA ALA B 288 -9.76 15.47 -4.94
C ALA B 288 -10.40 14.41 -4.04
N PRO B 289 -10.40 13.14 -4.44
CA PRO B 289 -10.74 12.07 -3.50
C PRO B 289 -9.78 12.09 -2.32
N ALA B 290 -10.28 11.62 -1.17
CA ALA B 290 -9.46 11.64 0.04
C ALA B 290 -8.14 10.92 -0.16
N GLU B 291 -8.16 9.78 -0.84
CA GLU B 291 -6.93 9.01 -1.02
C GLU B 291 -5.98 9.67 -2.00
N MET B 292 -6.50 10.46 -2.95
CA MET B 292 -5.61 11.23 -3.81
C MET B 292 -4.97 12.38 -3.05
N TYR B 293 -5.71 13.01 -2.14
CA TYR B 293 -5.10 14.03 -1.28
C TYR B 293 -4.05 13.39 -0.38
N ASP B 294 -4.31 12.16 0.09
CA ASP B 294 -3.32 11.44 0.87
C ASP B 294 -2.01 11.29 0.10
N ILE B 295 -2.11 10.98 -1.20
CA ILE B 295 -0.90 10.87 -2.02
C ILE B 295 -0.17 12.20 -2.05
N MET B 296 -0.91 13.30 -2.27
CA MET B 296 -0.29 14.62 -2.31
C MET B 296 0.48 14.91 -1.02
N LYS B 297 -0.12 14.63 0.13
CA LYS B 297 0.53 14.93 1.40
C LYS B 297 1.83 14.14 1.55
N THR B 298 1.82 12.86 1.14
CA THR B 298 3.05 12.07 1.20
C THR B 298 4.07 12.55 0.18
N CYS B 299 3.62 13.02 -0.99
CA CYS B 299 4.55 13.59 -1.96
C CYS B 299 5.22 14.85 -1.40
N TRP B 300 4.54 15.57 -0.50
CA TRP B 300 5.04 16.81 0.05
C TRP B 300 5.71 16.63 1.40
N ASP B 301 6.14 15.42 1.74
CA ASP B 301 6.85 15.22 2.99
C ASP B 301 8.16 15.99 2.97
N ALA B 302 8.47 16.65 4.08
CA ALA B 302 9.73 17.38 4.18
C ALA B 302 10.93 16.45 4.06
N ASP B 303 10.77 15.20 4.48
CA ASP B 303 11.84 14.20 4.37
C ASP B 303 11.72 13.50 3.02
N PRO B 304 12.69 13.69 2.11
CA PRO B 304 12.59 13.04 0.80
C PRO B 304 12.49 11.52 0.88
N ASP B 305 13.09 10.91 1.91
CA ASP B 305 13.01 9.47 2.06
C ASP B 305 11.62 9.00 2.47
N LYS B 306 10.80 9.87 3.04
CA LYS B 306 9.45 9.50 3.43
C LYS B 306 8.43 9.70 2.30
N ARG B 307 8.83 10.28 1.17
CA ARG B 307 7.96 10.38 0.02
C ARG B 307 7.85 9.02 -0.68
N PRO B 308 6.70 8.74 -1.30
CA PRO B 308 6.56 7.49 -2.07
C PRO B 308 7.34 7.56 -3.38
N THR B 309 7.60 6.39 -3.94
CA THR B 309 8.13 6.31 -5.29
C THR B 309 6.98 6.37 -6.30
N PHE B 310 7.34 6.65 -7.56
CA PHE B 310 6.32 6.62 -8.61
C PHE B 310 5.78 5.21 -8.79
N LYS B 311 6.62 4.19 -8.59
CA LYS B 311 6.16 2.81 -8.67
C LYS B 311 5.10 2.52 -7.61
N GLN B 312 5.29 3.03 -6.39
CA GLN B 312 4.26 2.89 -5.37
C GLN B 312 3.01 3.69 -5.73
N ILE B 313 3.18 4.91 -6.24
CA ILE B 313 2.04 5.74 -6.62
C ILE B 313 1.18 5.02 -7.66
N VAL B 314 1.83 4.41 -8.67
CA VAL B 314 1.09 3.69 -9.71
C VAL B 314 0.22 2.61 -9.08
N GLN B 315 0.82 1.79 -8.22
CA GLN B 315 0.06 0.72 -7.57
C GLN B 315 -1.09 1.29 -6.73
N ASP B 316 -0.82 2.38 -6.01
CA ASP B 316 -1.85 3.03 -5.21
C ASP B 316 -3.02 3.48 -6.08
N ILE B 317 -2.72 4.20 -7.16
CA ILE B 317 -3.79 4.68 -8.03
C ILE B 317 -4.48 3.51 -8.73
N GLU B 318 -3.73 2.45 -9.06
CA GLU B 318 -4.35 1.26 -9.64
C GLU B 318 -5.43 0.69 -8.74
N LYS B 319 -5.16 0.63 -7.43
CA LYS B 319 -6.16 0.12 -6.50
C LYS B 319 -7.39 1.03 -6.44
N GLN B 320 -7.17 2.35 -6.46
CA GLN B 320 -8.28 3.29 -6.40
C GLN B 320 -9.22 3.14 -7.60
N ILE B 321 -8.65 2.87 -8.79
CA ILE B 321 -9.43 2.84 -10.02
C ILE B 321 -10.48 1.73 -9.97
N SER B 322 -10.18 0.60 -9.31
CA SER B 322 -11.13 -0.50 -9.29
C SER B 322 -12.38 -0.16 -8.48
N GLU B 323 -12.20 0.41 -7.29
CA GLU B 323 -13.32 0.77 -6.42
C GLU B 323 -14.06 2.00 -6.94
C1 EDO C . -13.93 -34.96 27.00
O1 EDO C . -15.18 -34.56 26.43
C2 EDO C . -13.46 -33.87 27.96
O2 EDO C . -12.16 -34.17 28.48
N12 9WU D . -10.86 -23.19 25.62
C13 9WU D . -9.75 -23.92 25.69
C15 9WU D . -8.80 -21.91 26.47
C20 9WU D . -5.67 -19.50 30.00
C21 9WU D . -4.81 -20.15 30.85
C22 9WU D . -4.22 -19.27 31.94
C26 9WU D . -0.45 -18.24 32.62
C01 9WU D . -6.28 -31.39 24.55
C04 9WU D . -9.39 -29.84 23.77
C05 9WU D . -7.50 -29.28 24.81
C06 9WU D . -8.75 -28.78 24.45
C07 9WU D . -9.36 -27.39 24.71
C08 9WU D . -10.66 -27.08 24.45
C11 9WU D . -12.01 -23.73 25.13
C16 9WU D . -7.53 -21.26 26.99
C18 9WU D . -5.93 -21.43 28.80
C23 9WU D . -3.94 -20.46 32.87
C25 9WU D . -1.94 -18.41 32.94
C27 9WU D . 0.51 -18.50 33.49
C29 9WU D . -5.24 -18.65 32.89
C30 9WU D . -6.20 -19.42 33.54
C31 9WU D . -7.14 -18.83 34.35
C32 9WU D . -7.14 -17.44 34.49
C34 9WU D . -6.20 -16.66 33.84
C35 9WU D . -5.25 -17.26 33.02
C36 9WU D . -4.53 -21.49 30.62
C38 9WU D . -6.76 -23.54 27.77
C39 9WU D . -8.17 -23.95 27.43
C40 9WU D . -9.74 -25.26 25.28
C41 9WU D . -8.75 -26.28 25.23
F33 9WU D . -8.07 -16.85 35.30
N02 9WU D . -7.43 -30.52 24.38
N03 9WU D . -8.55 -30.87 23.76
N09 9WU D . -10.86 -25.76 24.81
N10 9WU D . -12.00 -25.01 24.72
N14 9WU D . -8.55 -23.31 26.21
N17 9WU D . -6.56 -22.10 27.69
N19 9WU D . -6.22 -20.17 29.01
N24 9WU D . -2.79 -19.03 31.93
N37 9WU D . -5.11 -22.09 29.60
O28 9WU D . -2.37 -18.05 33.99
BR BR E . 13.79 -19.25 7.51
N12 9WU F . 4.79 18.95 -28.34
C13 9WU F . 4.24 20.15 -28.06
C15 9WU F . 4.48 22.28 -26.87
C20 9WU F . 8.85 25.69 -26.15
C21 9WU F . 10.07 25.14 -25.75
C22 9WU F . 11.42 25.84 -25.62
C26 9WU F . 12.97 28.56 -23.17
C01 9WU F . -3.90 22.58 -29.73
C04 9WU F . -0.63 23.30 -28.48
C05 9WU F . -1.70 21.56 -29.40
C06 9WU F . -0.47 21.97 -28.88
C07 9WU F . 0.80 21.11 -28.79
C08 9WU F . 0.92 19.83 -29.23
C11 9WU F . 4.06 17.96 -28.92
C16 9WU F . 5.49 23.32 -26.38
C18 9WU F . 7.86 23.64 -25.82
C23 9WU F . 10.96 27.04 -26.47
C25 9WU F . 12.85 27.63 -24.37
C27 9WU F . 13.75 28.23 -22.17
C29 9WU F . 12.47 25.43 -26.64
C30 9WU F . 13.57 24.75 -26.14
C31 9WU F . 14.57 24.32 -26.99
C32 9WU F . 14.46 24.55 -28.35
C34 9WU F . 13.36 25.22 -28.86
C35 9WU F . 12.35 25.66 -28.01
C36 9WU F . 10.10 23.80 -25.40
C38 9WU F . 7.07 21.36 -26.08
C39 9WU F . 5.92 20.46 -26.46
C40 9WU F . 2.89 20.38 -28.41
C41 9WU F . 2.00 21.49 -28.28
F33 9WU F . 15.45 24.12 -29.18
N02 9WU F . -2.50 22.59 -29.30
N03 9WU F . -1.88 23.64 -28.74
N09 9WU F . 2.21 19.42 -28.98
N10 9WU F . 2.79 18.20 -29.24
N14 9WU F . 5.11 21.12 -27.46
N17 9WU F . 6.72 22.75 -25.86
N19 9WU F . 7.79 24.90 -26.19
N24 9WU F . 11.64 26.80 -24.54
N37 9WU F . 9.00 23.10 -25.46
O28 9WU F . 13.75 27.59 -25.13
CL CL G . 13.87 29.91 -34.27
#